data_1ZUA
#
_entry.id   1ZUA
#
_cell.length_a   89.113
_cell.length_b   89.113
_cell.length_c   78.433
_cell.angle_alpha   90.00
_cell.angle_beta   90.00
_cell.angle_gamma   120.00
#
_symmetry.space_group_name_H-M   'P 61'
#
loop_
_entity.id
_entity.type
_entity.pdbx_description
1 polymer 'Aldo-keto reductase family 1 member B10'
2 non-polymer 'NADP NICOTINAMIDE-ADENINE-DINUCLEOTIDE PHOSPHATE'
3 non-polymer TOLRESTAT
4 water water
#
_entity_poly.entity_id   1
_entity_poly.type   'polypeptide(L)'
_entity_poly.pdbx_seq_one_letter_code
;HMATFVELSTKAKMPIVGLGTWKSPLGKVKEAVKVAIDAGYRHIDCAYVYQNEHEVGEAIQEKIQEKAVKREDLFIVSKL
WPTFFERPLVRKAFEKTLKDLKLSYLDVYLIHWPQGFKSGDDLFPKDDKGNAIGGKATFLDAWEAMEELVDEGLVKALGV
SNFSHFQIEKLLNKPGLKYKPVTNQVECHPYLTQEKLIQYCHSKGITVTAYSPLGSPDRPWAKPEDPSLLEDPKIKEIAA
KHKKTAAQVLIRFHIQRNVIVIPKSVTPARIVENIQVFDFKLSDEEMATILSFNRNWRACNVLQSSHLEDYPFNAEY
;
_entity_poly.pdbx_strand_id   X
#
# COMPACT_ATOMS: atom_id res chain seq x y z
N HIS A 1 2.19 -2.81 20.50
CA HIS A 1 1.43 -4.04 20.15
C HIS A 1 2.05 -4.59 18.88
N MET A 2 2.12 -5.92 18.83
CA MET A 2 2.62 -6.66 17.70
C MET A 2 1.42 -6.91 16.82
N ALA A 3 1.50 -6.43 15.58
CA ALA A 3 0.51 -6.82 14.65
C ALA A 3 0.65 -8.32 14.35
N THR A 4 -0.49 -9.01 14.12
N THR A 4 -0.45 -9.01 14.19
CA THR A 4 -0.59 -10.38 13.58
CA THR A 4 -0.33 -10.33 13.77
C THR A 4 -0.02 -10.52 12.17
C THR A 4 0.24 -10.26 12.36
N PHE A 5 0.50 -11.67 11.81
N PHE A 5 0.58 -11.47 11.87
CA PHE A 5 1.02 -11.81 10.47
CA PHE A 5 1.23 -11.87 10.57
C PHE A 5 0.00 -12.32 9.53
C PHE A 5 0.24 -12.49 9.54
N VAL A 6 0.20 -11.97 8.27
CA VAL A 6 -0.44 -12.67 7.12
C VAL A 6 0.70 -13.37 6.38
N GLU A 7 0.56 -14.66 6.15
CA GLU A 7 1.56 -15.46 5.49
C GLU A 7 1.43 -15.21 4.00
N LEU A 8 2.59 -14.95 3.39
CA LEU A 8 2.67 -14.79 1.96
C LEU A 8 2.90 -16.15 1.28
N SER A 9 2.77 -16.17 -0.03
CA SER A 9 3.00 -17.41 -0.82
C SER A 9 4.46 -17.89 -0.72
N THR A 10 5.37 -17.01 -0.31
CA THR A 10 6.77 -17.31 -0.09
C THR A 10 7.08 -17.88 1.29
N LYS A 11 6.08 -17.88 2.15
CA LYS A 11 6.10 -18.20 3.55
C LYS A 11 6.61 -17.11 4.42
N ALA A 12 7.01 -15.98 3.84
CA ALA A 12 7.35 -14.81 4.65
C ALA A 12 6.11 -14.28 5.37
N LYS A 13 6.34 -13.60 6.47
CA LYS A 13 5.28 -13.11 7.31
C LYS A 13 5.13 -11.62 7.18
N MET A 14 3.97 -11.15 6.71
CA MET A 14 3.74 -9.71 6.48
C MET A 14 2.86 -9.16 7.61
N PRO A 15 3.37 -8.20 8.41
CA PRO A 15 2.52 -7.68 9.51
C PRO A 15 1.22 -7.07 8.94
N ILE A 16 0.11 -7.39 9.59
CA ILE A 16 -1.20 -7.04 9.09
C ILE A 16 -1.55 -5.55 9.19
N VAL A 17 -0.86 -4.79 10.05
CA VAL A 17 -1.00 -3.32 10.09
C VAL A 17 0.39 -2.79 9.77
N GLY A 18 0.43 -1.81 8.90
CA GLY A 18 1.61 -1.04 8.64
C GLY A 18 1.33 0.47 8.64
N LEU A 19 2.44 1.25 8.60
CA LEU A 19 2.35 2.71 8.57
C LEU A 19 2.40 3.20 7.11
N GLY A 20 1.38 3.95 6.70
CA GLY A 20 1.40 4.61 5.45
C GLY A 20 2.23 5.90 5.49
N THR A 21 2.81 6.32 4.36
CA THR A 21 3.67 7.46 4.30
C THR A 21 3.39 8.43 3.15
N TRP A 22 2.32 8.20 2.38
CA TRP A 22 1.93 9.16 1.36
C TRP A 22 1.44 10.42 2.04
N LYS A 23 1.99 11.59 1.66
CA LYS A 23 1.61 12.92 2.13
C LYS A 23 2.29 13.24 3.45
N SER A 24 3.09 12.36 3.97
CA SER A 24 3.83 12.65 5.21
C SER A 24 5.01 13.55 4.86
N PRO A 25 5.00 14.76 5.44
CA PRO A 25 5.99 15.76 5.14
C PRO A 25 7.40 15.41 5.51
N LEU A 26 8.33 15.85 4.66
CA LEU A 26 9.73 15.89 5.09
C LEU A 26 9.66 16.92 6.14
N GLY A 27 10.20 16.59 7.29
CA GLY A 27 10.14 17.40 8.48
C GLY A 27 9.31 16.70 9.53
N LYS A 28 8.38 15.78 9.17
CA LYS A 28 7.50 15.04 10.10
C LYS A 28 7.59 13.51 9.95
N VAL A 29 7.95 13.03 8.77
CA VAL A 29 7.85 11.57 8.54
C VAL A 29 8.92 10.81 9.33
N LYS A 30 10.09 11.39 9.53
CA LYS A 30 11.10 10.69 10.31
C LYS A 30 10.63 10.41 11.74
N GLU A 31 10.08 11.43 12.40
CA GLU A 31 9.50 11.24 13.69
C GLU A 31 8.33 10.27 13.68
N ALA A 32 7.51 10.33 12.65
CA ALA A 32 6.35 9.41 12.56
C ALA A 32 6.85 7.96 12.56
N VAL A 33 7.89 7.66 11.75
CA VAL A 33 8.41 6.29 11.69
C VAL A 33 9.03 5.85 13.01
N LYS A 34 9.75 6.78 13.68
CA LYS A 34 10.32 6.47 15.01
C LYS A 34 9.25 6.17 16.02
N VAL A 35 8.19 7.00 16.04
CA VAL A 35 7.07 6.78 16.95
C VAL A 35 6.43 5.44 16.64
N ALA A 36 6.22 5.16 15.35
CA ALA A 36 5.57 3.92 14.95
C ALA A 36 6.40 2.71 15.41
N ILE A 37 7.70 2.72 15.16
CA ILE A 37 8.53 1.58 15.59
C ILE A 37 8.46 1.38 17.11
N ASP A 38 8.52 2.48 17.84
CA ASP A 38 8.40 2.40 19.33
C ASP A 38 7.07 1.82 19.76
N ALA A 39 6.02 2.13 19.00
CA ALA A 39 4.65 1.69 19.32
C ALA A 39 4.39 0.24 18.84
N GLY A 40 5.36 -0.39 18.17
CA GLY A 40 5.31 -1.78 17.76
C GLY A 40 5.11 -2.01 16.25
N TYR A 41 4.99 -0.95 15.47
CA TYR A 41 4.93 -1.13 14.03
C TYR A 41 6.21 -1.74 13.52
N ARG A 42 6.06 -2.62 12.51
CA ARG A 42 7.23 -3.25 11.85
C ARG A 42 7.10 -3.07 10.32
N HIS A 43 5.90 -3.00 9.81
CA HIS A 43 5.58 -2.78 8.37
C HIS A 43 5.47 -1.28 8.13
N ILE A 44 6.24 -0.79 7.15
CA ILE A 44 6.21 0.57 6.66
C ILE A 44 5.97 0.50 5.15
N ASP A 45 4.95 1.24 4.68
CA ASP A 45 4.64 1.33 3.29
C ASP A 45 5.21 2.65 2.76
N CYS A 46 6.05 2.53 1.74
CA CYS A 46 6.80 3.61 1.16
C CYS A 46 6.58 3.70 -0.34
N ALA A 47 7.06 4.76 -0.96
CA ALA A 47 7.10 4.84 -2.44
C ALA A 47 8.11 5.87 -2.87
N TYR A 48 8.73 5.65 -4.02
CA TYR A 48 9.57 6.64 -4.67
C TYR A 48 8.80 7.96 -4.86
N VAL A 49 7.56 7.90 -5.32
CA VAL A 49 6.85 9.13 -5.70
C VAL A 49 6.47 9.92 -4.46
N TYR A 50 6.49 9.34 -3.26
CA TYR A 50 6.17 10.07 -2.04
C TYR A 50 7.29 11.06 -1.68
N GLN A 51 8.47 10.89 -2.26
CA GLN A 51 9.58 11.82 -2.15
C GLN A 51 9.97 12.09 -0.73
N ASN A 52 9.86 11.11 0.13
CA ASN A 52 10.24 11.17 1.54
C ASN A 52 10.99 9.94 2.04
N GLU A 53 11.41 9.05 1.12
CA GLU A 53 12.04 7.83 1.55
C GLU A 53 13.35 8.05 2.29
N HIS A 54 14.05 9.13 1.98
CA HIS A 54 15.31 9.29 2.69
C HIS A 54 15.10 9.54 4.19
N GLU A 55 14.02 10.22 4.56
CA GLU A 55 13.74 10.44 5.99
C GLU A 55 13.21 9.20 6.67
N VAL A 56 12.42 8.38 5.96
CA VAL A 56 12.04 7.07 6.45
C VAL A 56 13.33 6.25 6.73
N GLY A 57 14.27 6.31 5.81
CA GLY A 57 15.55 5.60 5.95
C GLY A 57 16.35 6.01 7.17
N GLU A 58 16.40 7.33 7.39
CA GLU A 58 17.09 7.87 8.62
C GLU A 58 16.44 7.29 9.87
N ALA A 59 15.10 7.33 9.94
CA ALA A 59 14.40 6.78 11.12
C ALA A 59 14.76 5.31 11.36
N ILE A 60 14.68 4.49 10.29
CA ILE A 60 14.94 3.08 10.46
C ILE A 60 16.38 2.83 10.91
N GLN A 61 17.31 3.54 10.29
CA GLN A 61 18.73 3.31 10.61
C GLN A 61 18.99 3.66 12.07
N GLU A 62 18.44 4.82 12.51
CA GLU A 62 18.61 5.22 13.91
C GLU A 62 18.00 4.22 14.88
N LYS A 63 16.80 3.71 14.59
CA LYS A 63 16.18 2.69 15.47
C LYS A 63 16.95 1.38 15.56
N ILE A 64 17.51 0.97 14.43
CA ILE A 64 18.35 -0.20 14.42
C ILE A 64 19.64 0.06 15.22
N GLN A 65 20.19 1.29 15.10
N GLN A 65 20.34 1.12 14.89
CA GLN A 65 21.42 1.74 15.88
CA GLN A 65 21.61 1.32 15.55
C GLN A 65 21.20 1.87 17.37
C GLN A 65 21.45 1.27 17.05
N GLU A 66 19.99 2.24 17.75
N GLU A 66 20.30 1.79 17.52
CA GLU A 66 19.58 2.28 19.13
CA GLU A 66 20.06 2.01 18.95
C GLU A 66 19.12 0.90 19.65
C GLU A 66 19.44 0.82 19.64
N LYS A 67 19.20 -0.20 18.85
CA LYS A 67 18.73 -1.53 19.29
C LYS A 67 17.25 -1.57 19.66
N ALA A 68 16.48 -0.64 19.10
CA ALA A 68 15.04 -0.63 19.32
C ALA A 68 14.38 -1.70 18.47
N VAL A 69 15.01 -2.07 17.35
CA VAL A 69 14.43 -3.09 16.44
C VAL A 69 15.56 -3.69 15.62
N LYS A 70 15.35 -4.90 15.13
CA LYS A 70 16.29 -5.52 14.17
C LYS A 70 15.70 -5.50 12.77
N ARG A 71 16.57 -5.38 11.78
CA ARG A 71 16.14 -5.35 10.38
C ARG A 71 15.26 -6.56 10.03
N GLU A 72 15.59 -7.75 10.52
CA GLU A 72 14.85 -8.97 10.10
C GLU A 72 13.41 -8.90 10.58
N ASP A 73 13.13 -8.08 11.60
CA ASP A 73 11.77 -7.95 12.14
C ASP A 73 10.99 -6.82 11.44
N LEU A 74 11.66 -5.95 10.72
CA LEU A 74 10.96 -4.92 9.91
C LEU A 74 10.49 -5.53 8.59
N PHE A 75 9.51 -4.89 8.00
CA PHE A 75 8.89 -5.30 6.77
C PHE A 75 8.68 -4.05 5.94
N ILE A 76 9.60 -3.81 5.01
CA ILE A 76 9.63 -2.55 4.30
C ILE A 76 9.20 -2.77 2.85
N VAL A 77 8.16 -2.03 2.41
CA VAL A 77 7.60 -2.11 1.10
C VAL A 77 7.87 -0.78 0.38
N SER A 78 8.30 -0.84 -0.89
CA SER A 78 8.27 0.32 -1.74
C SER A 78 7.73 -0.06 -3.13
N LYS A 79 7.72 0.92 -4.02
CA LYS A 79 6.95 0.83 -5.26
C LYS A 79 7.66 1.51 -6.39
N LEU A 80 7.59 0.91 -7.56
CA LEU A 80 8.10 1.40 -8.85
C LEU A 80 7.03 2.24 -9.54
N TRP A 81 7.35 3.53 -9.68
CA TRP A 81 6.44 4.49 -10.27
C TRP A 81 6.42 4.30 -11.82
N PRO A 82 5.25 4.52 -12.45
CA PRO A 82 5.11 4.17 -13.89
C PRO A 82 5.89 4.93 -14.92
N THR A 83 6.65 5.96 -14.55
CA THR A 83 7.58 6.58 -15.49
C THR A 83 8.91 5.80 -15.59
N PHE A 84 9.05 4.73 -14.83
CA PHE A 84 10.31 3.99 -14.80
C PHE A 84 10.20 2.52 -15.20
N PHE A 85 9.32 2.23 -16.15
CA PHE A 85 9.10 0.85 -16.58
C PHE A 85 10.12 0.35 -17.59
N GLU A 86 10.83 1.24 -18.26
CA GLU A 86 11.88 0.80 -19.18
C GLU A 86 12.97 0.14 -18.34
N ARG A 87 13.45 -0.99 -18.86
N ARG A 87 13.53 -0.98 -18.82
CA ARG A 87 14.44 -1.83 -18.21
CA ARG A 87 14.39 -1.80 -17.96
C ARG A 87 15.47 -1.10 -17.34
C ARG A 87 15.56 -1.09 -17.25
N PRO A 88 16.30 -0.23 -17.94
CA PRO A 88 17.38 0.44 -17.25
C PRO A 88 16.84 1.34 -16.14
N LEU A 89 15.66 1.92 -16.37
CA LEU A 89 15.07 2.83 -15.40
C LEU A 89 14.49 2.09 -14.20
N VAL A 90 14.05 0.85 -14.38
CA VAL A 90 13.63 0.09 -13.25
C VAL A 90 14.77 -0.01 -12.25
N ARG A 91 15.95 -0.40 -12.74
CA ARG A 91 17.06 -0.59 -11.83
C ARG A 91 17.48 0.71 -11.18
N LYS A 92 17.53 1.79 -11.96
CA LYS A 92 17.95 3.07 -11.40
C LYS A 92 16.96 3.58 -10.34
N ALA A 93 15.68 3.44 -10.63
CA ALA A 93 14.68 3.89 -9.65
C ALA A 93 14.74 3.05 -8.37
N PHE A 94 14.81 1.74 -8.52
CA PHE A 94 14.98 0.85 -7.37
C PHE A 94 16.22 1.27 -6.56
N GLU A 95 17.37 1.47 -7.25
CA GLU A 95 18.60 1.76 -6.55
C GLU A 95 18.48 3.03 -5.74
N LYS A 96 17.78 4.02 -6.27
CA LYS A 96 17.54 5.29 -5.54
C LYS A 96 16.64 5.05 -4.31
N THR A 97 15.56 4.29 -4.48
CA THR A 97 14.72 3.93 -3.34
C THR A 97 15.56 3.23 -2.25
N LEU A 98 16.35 2.23 -2.65
CA LEU A 98 17.06 1.45 -1.67
C LEU A 98 18.11 2.30 -0.96
N LYS A 99 18.82 3.13 -1.72
CA LYS A 99 19.83 4.05 -1.17
C LYS A 99 19.16 5.04 -0.20
N ASP A 100 18.04 5.58 -0.58
CA ASP A 100 17.32 6.55 0.28
C ASP A 100 16.87 5.87 1.56
N LEU A 101 16.35 4.65 1.44
CA LEU A 101 15.92 3.90 2.61
C LEU A 101 17.05 3.37 3.48
N LYS A 102 18.28 3.40 2.97
CA LYS A 102 19.51 2.96 3.68
C LYS A 102 19.44 1.49 4.04
N LEU A 103 18.83 0.67 3.17
CA LEU A 103 18.61 -0.74 3.39
C LEU A 103 19.49 -1.54 2.44
N SER A 104 19.68 -2.80 2.79
CA SER A 104 20.35 -3.75 1.91
C SER A 104 19.38 -4.57 1.05
N TYR A 105 18.12 -4.58 1.44
CA TYR A 105 17.09 -5.29 0.71
C TYR A 105 15.74 -4.66 1.08
N LEU A 106 14.75 -4.83 0.20
CA LEU A 106 13.35 -4.60 0.48
C LEU A 106 12.61 -5.91 0.72
N ASP A 107 11.58 -5.86 1.57
CA ASP A 107 10.76 -7.02 1.74
C ASP A 107 9.83 -7.28 0.58
N VAL A 108 9.19 -6.21 0.10
CA VAL A 108 8.36 -6.28 -1.08
C VAL A 108 8.59 -5.06 -1.94
N TYR A 109 8.65 -5.28 -3.27
CA TYR A 109 8.70 -4.18 -4.24
C TYR A 109 7.49 -4.31 -5.20
N LEU A 110 6.70 -3.26 -5.28
CA LEU A 110 5.43 -3.31 -6.04
C LEU A 110 5.53 -2.52 -7.34
N ILE A 111 4.82 -2.99 -8.35
N ILE A 111 4.85 -2.98 -8.38
CA ILE A 111 4.37 -2.13 -9.44
CA ILE A 111 4.49 -2.04 -9.44
C ILE A 111 3.36 -1.13 -8.85
C ILE A 111 3.40 -1.14 -8.89
N HIS A 112 3.66 0.17 -8.90
CA HIS A 112 2.80 1.12 -8.17
C HIS A 112 1.43 1.28 -8.84
N TRP A 113 1.44 1.41 -10.17
CA TRP A 113 0.26 1.54 -11.00
C TRP A 113 0.54 0.77 -12.29
N PRO A 114 -0.46 0.09 -12.84
CA PRO A 114 -0.20 -0.68 -14.07
C PRO A 114 -0.03 0.14 -15.33
N GLN A 115 -0.67 1.32 -15.37
CA GLN A 115 -0.67 2.14 -16.55
C GLN A 115 0.61 2.95 -16.64
N GLY A 116 1.38 2.70 -17.71
CA GLY A 116 2.69 3.32 -17.87
C GLY A 116 2.63 4.75 -18.25
N PHE A 117 3.59 5.52 -17.80
CA PHE A 117 3.74 6.95 -18.10
C PHE A 117 5.02 7.14 -18.92
N LYS A 118 5.03 8.16 -19.77
CA LYS A 118 6.22 8.56 -20.51
C LYS A 118 7.41 8.72 -19.61
N SER A 119 8.54 8.19 -20.01
N SER A 119 8.54 8.12 -19.97
CA SER A 119 9.76 8.38 -19.29
CA SER A 119 9.79 8.24 -19.24
C SER A 119 10.36 9.76 -19.60
C SER A 119 10.53 9.55 -19.62
N GLY A 120 11.13 10.23 -18.64
CA GLY A 120 11.76 11.51 -18.79
C GLY A 120 11.88 12.12 -17.41
N ASP A 121 12.07 13.43 -17.38
CA ASP A 121 12.37 14.11 -16.14
C ASP A 121 11.13 14.24 -15.27
N ASP A 122 9.96 14.34 -15.88
CA ASP A 122 8.71 14.60 -15.15
C ASP A 122 8.13 13.35 -14.50
N LEU A 123 7.70 13.44 -13.26
CA LEU A 123 6.95 12.38 -12.61
C LEU A 123 5.55 12.22 -13.13
N PHE A 124 4.92 13.29 -13.56
CA PHE A 124 3.56 13.31 -14.03
C PHE A 124 3.55 13.94 -15.41
N PRO A 125 4.06 13.24 -16.40
CA PRO A 125 4.14 13.85 -17.76
C PRO A 125 2.70 14.10 -18.31
N LYS A 126 2.47 15.31 -18.86
CA LYS A 126 1.07 15.78 -19.41
C LYS A 126 0.48 15.89 -20.91
N ASP A 127 -0.77 15.46 -21.19
CA ASP A 127 -1.24 15.45 -22.74
C ASP A 127 -1.00 16.73 -23.61
N ASP A 128 -1.95 17.67 -23.54
CA ASP A 128 -1.88 19.19 -23.41
C ASP A 128 -3.27 19.77 -23.32
N LYS A 129 -3.46 20.32 -22.15
CA LYS A 129 -4.32 19.77 -21.20
C LYS A 129 -3.32 18.86 -20.40
N GLY A 130 -3.88 18.07 -19.51
CA GLY A 130 -3.12 17.23 -18.66
C GLY A 130 -3.80 15.99 -18.27
N ASN A 131 -4.21 15.28 -19.27
CA ASN A 131 -4.32 13.84 -19.05
C ASN A 131 -2.89 13.28 -19.15
N ALA A 132 -2.64 12.17 -18.43
CA ALA A 132 -1.37 11.54 -18.49
C ALA A 132 -0.84 11.26 -20.04
N ILE A 133 0.47 11.41 -20.32
CA ILE A 133 1.10 10.82 -21.49
C ILE A 133 1.62 9.41 -21.16
N GLY A 134 1.21 8.46 -21.94
CA GLY A 134 1.63 7.10 -21.78
C GLY A 134 3.04 6.79 -22.16
N GLY A 135 3.53 5.64 -21.73
CA GLY A 135 4.90 5.27 -21.96
C GLY A 135 5.15 4.16 -23.00
N LYS A 136 6.40 3.84 -23.25
CA LYS A 136 6.76 2.84 -24.27
C LYS A 136 6.63 1.48 -23.59
N ALA A 137 7.22 1.39 -22.42
CA ALA A 137 7.33 0.13 -21.71
C ALA A 137 6.06 -0.11 -20.91
N THR A 138 5.73 -1.38 -20.73
CA THR A 138 4.56 -1.76 -20.00
C THR A 138 4.89 -2.38 -18.64
N PHE A 139 3.87 -2.65 -17.85
CA PHE A 139 4.18 -3.24 -16.55
C PHE A 139 4.80 -4.64 -16.71
N LEU A 140 4.54 -5.32 -17.83
CA LEU A 140 5.18 -6.63 -18.04
C LEU A 140 6.65 -6.49 -18.29
N ASP A 141 7.05 -5.43 -19.03
CA ASP A 141 8.45 -5.11 -19.19
C ASP A 141 9.09 -4.84 -17.84
N ALA A 142 8.40 -4.02 -17.05
CA ALA A 142 8.93 -3.66 -15.74
C ALA A 142 9.09 -4.87 -14.86
N TRP A 143 8.12 -5.78 -14.87
CA TRP A 143 8.19 -6.96 -14.04
C TRP A 143 9.42 -7.73 -14.31
N GLU A 144 9.79 -7.91 -15.58
CA GLU A 144 10.97 -8.69 -15.90
C GLU A 144 12.21 -8.11 -15.30
N ALA A 145 12.34 -6.79 -15.30
CA ALA A 145 13.45 -6.14 -14.67
C ALA A 145 13.41 -6.29 -13.13
N MET A 146 12.20 -6.26 -12.58
CA MET A 146 12.04 -6.43 -11.14
C MET A 146 12.41 -7.83 -10.70
N GLU A 147 12.17 -8.84 -11.55
CA GLU A 147 12.54 -10.22 -11.21
C GLU A 147 14.04 -10.37 -10.97
N GLU A 148 14.83 -9.58 -11.68
N GLU A 148 14.85 -9.57 -11.65
CA GLU A 148 16.28 -9.58 -11.49
CA GLU A 148 16.31 -9.60 -11.44
C GLU A 148 16.57 -9.29 -10.03
C GLU A 148 16.67 -9.19 -10.03
N LEU A 149 15.87 -8.32 -9.45
CA LEU A 149 16.11 -7.88 -8.07
C LEU A 149 15.93 -9.02 -7.08
N VAL A 150 14.94 -9.87 -7.35
CA VAL A 150 14.68 -11.04 -6.50
C VAL A 150 15.84 -12.06 -6.66
N ASP A 151 16.24 -12.32 -7.90
CA ASP A 151 17.37 -13.25 -8.12
C ASP A 151 18.64 -12.81 -7.42
N GLU A 152 18.88 -11.49 -7.39
CA GLU A 152 20.11 -10.90 -6.79
C GLU A 152 20.01 -10.63 -5.28
N GLY A 153 18.88 -11.01 -4.68
CA GLY A 153 18.73 -10.86 -3.26
C GLY A 153 18.47 -9.45 -2.76
N LEU A 154 18.11 -8.57 -3.66
CA LEU A 154 17.83 -7.16 -3.31
C LEU A 154 16.39 -6.94 -2.86
N VAL A 155 15.51 -7.84 -3.27
CA VAL A 155 14.12 -7.79 -2.92
C VAL A 155 13.65 -9.19 -2.58
N LYS A 156 12.93 -9.40 -1.46
CA LYS A 156 12.46 -10.75 -1.13
C LYS A 156 11.29 -11.20 -1.96
N ALA A 157 10.37 -10.29 -2.32
CA ALA A 157 9.20 -10.63 -3.07
C ALA A 157 8.73 -9.43 -3.84
N LEU A 158 8.03 -9.70 -4.93
CA LEU A 158 7.38 -8.69 -5.77
C LEU A 158 5.91 -8.71 -5.51
N GLY A 159 5.26 -7.57 -5.80
CA GLY A 159 3.84 -7.49 -5.80
C GLY A 159 3.34 -6.43 -6.75
N VAL A 160 2.02 -6.23 -6.72
CA VAL A 160 1.37 -5.28 -7.60
C VAL A 160 0.47 -4.35 -6.77
N SER A 161 0.07 -3.25 -7.41
CA SER A 161 -0.81 -2.29 -6.77
C SER A 161 -1.71 -1.71 -7.83
N ASN A 162 -2.97 -1.54 -7.43
CA ASN A 162 -3.98 -0.97 -8.34
C ASN A 162 -4.17 -1.86 -9.57
N PHE A 163 -4.05 -3.17 -9.40
CA PHE A 163 -4.31 -4.10 -10.51
C PHE A 163 -5.73 -4.65 -10.41
N SER A 164 -6.41 -4.74 -11.55
CA SER A 164 -7.63 -5.48 -11.66
C SER A 164 -7.34 -6.95 -11.76
N HIS A 165 -8.38 -7.77 -11.69
CA HIS A 165 -8.11 -9.21 -11.86
C HIS A 165 -7.61 -9.55 -13.27
N PHE A 166 -8.04 -8.80 -14.27
CA PHE A 166 -7.53 -9.02 -15.64
C PHE A 166 -6.07 -8.76 -15.76
N GLN A 167 -5.58 -7.71 -15.05
CA GLN A 167 -4.20 -7.41 -15.05
C GLN A 167 -3.38 -8.43 -14.31
N ILE A 168 -3.89 -8.93 -13.19
CA ILE A 168 -3.22 -10.03 -12.48
C ILE A 168 -3.15 -11.26 -13.42
N GLU A 169 -4.23 -11.55 -14.14
CA GLU A 169 -4.21 -12.68 -15.09
C GLU A 169 -3.14 -12.50 -16.14
N LYS A 170 -3.03 -11.30 -16.69
CA LYS A 170 -2.03 -10.98 -17.71
C LYS A 170 -0.65 -11.28 -17.15
N LEU A 171 -0.39 -10.83 -15.91
CA LEU A 171 0.88 -11.11 -15.30
C LEU A 171 1.12 -12.61 -15.10
N LEU A 172 0.12 -13.26 -14.49
CA LEU A 172 0.26 -14.70 -14.16
C LEU A 172 0.41 -15.56 -15.42
N ASN A 173 -0.08 -15.04 -16.55
CA ASN A 173 0.01 -15.72 -17.84
C ASN A 173 1.22 -15.37 -18.67
N LYS A 174 2.09 -14.49 -18.20
CA LYS A 174 3.21 -14.01 -18.95
C LYS A 174 4.18 -15.15 -19.24
N PRO A 175 4.56 -15.33 -20.51
CA PRO A 175 5.58 -16.37 -20.79
C PRO A 175 6.84 -16.08 -20.03
N GLY A 176 7.45 -17.12 -19.49
CA GLY A 176 8.69 -17.06 -18.78
C GLY A 176 8.68 -16.40 -17.42
N LEU A 177 7.49 -16.23 -16.88
CA LEU A 177 7.33 -15.63 -15.57
C LEU A 177 8.22 -16.33 -14.58
N LYS A 178 8.98 -15.60 -13.79
CA LYS A 178 9.87 -16.15 -12.78
C LYS A 178 9.30 -16.06 -11.35
N TYR A 179 8.62 -14.96 -11.03
CA TYR A 179 8.10 -14.68 -9.71
C TYR A 179 6.70 -14.17 -9.82
N LYS A 180 5.84 -14.68 -8.92
CA LYS A 180 4.44 -14.25 -8.81
C LYS A 180 4.27 -13.15 -7.78
N PRO A 181 3.27 -12.29 -7.96
CA PRO A 181 3.01 -11.27 -6.96
C PRO A 181 2.54 -11.88 -5.67
N VAL A 182 3.00 -11.31 -4.58
CA VAL A 182 2.60 -11.78 -3.25
C VAL A 182 1.44 -10.99 -2.65
N THR A 183 1.21 -9.79 -3.15
CA THR A 183 0.14 -8.93 -2.71
C THR A 183 -0.32 -8.08 -3.87
N ASN A 184 -1.55 -7.64 -3.75
CA ASN A 184 -2.16 -6.57 -4.57
C ASN A 184 -2.62 -5.49 -3.60
N GLN A 185 -1.95 -4.33 -3.64
CA GLN A 185 -2.25 -3.21 -2.78
C GLN A 185 -3.25 -2.31 -3.48
N VAL A 186 -4.48 -2.24 -2.95
CA VAL A 186 -5.58 -1.53 -3.58
C VAL A 186 -6.31 -0.74 -2.51
N GLU A 187 -7.05 0.24 -2.96
CA GLU A 187 -7.92 0.98 -2.07
C GLU A 187 -8.96 0.05 -1.51
N CYS A 188 -9.22 0.11 -0.20
CA CYS A 188 -10.25 -0.76 0.35
C CYS A 188 -10.70 -0.18 1.68
N HIS A 189 -11.99 -0.19 1.89
CA HIS A 189 -12.62 0.43 3.07
C HIS A 189 -14.12 0.11 2.99
N PRO A 190 -14.94 0.51 3.96
CA PRO A 190 -16.38 0.13 3.88
C PRO A 190 -17.13 0.74 2.73
N TYR A 191 -16.62 1.79 2.07
CA TYR A 191 -17.29 2.30 0.86
C TYR A 191 -16.80 1.71 -0.43
N LEU A 192 -15.77 0.83 -0.35
CA LEU A 192 -15.17 0.17 -1.52
C LEU A 192 -14.67 -1.15 -1.00
N THR A 193 -15.59 -2.10 -0.74
N THR A 193 -15.59 -2.09 -0.88
CA THR A 193 -15.28 -3.32 -0.01
CA THR A 193 -15.36 -3.24 -0.08
C THR A 193 -14.51 -4.39 -0.83
C THR A 193 -14.51 -4.30 -0.81
N GLN A 194 -14.44 -4.23 -2.14
CA GLN A 194 -13.56 -5.09 -2.97
C GLN A 194 -13.87 -6.57 -2.79
N GLU A 195 -15.15 -6.93 -2.70
CA GLU A 195 -15.44 -8.33 -2.43
C GLU A 195 -14.91 -9.25 -3.53
N LYS A 196 -15.20 -8.96 -4.78
CA LYS A 196 -14.78 -9.84 -5.86
C LYS A 196 -13.27 -9.87 -6.06
N LEU A 197 -12.62 -8.72 -5.96
CA LEU A 197 -11.16 -8.67 -6.12
C LEU A 197 -10.47 -9.44 -4.99
N ILE A 198 -10.92 -9.27 -3.77
CA ILE A 198 -10.34 -10.00 -2.64
C ILE A 198 -10.55 -11.50 -2.83
N GLN A 199 -11.77 -11.88 -3.23
N GLN A 199 -11.74 -11.93 -3.23
CA GLN A 199 -12.05 -13.30 -3.51
CA GLN A 199 -11.94 -13.39 -3.46
C GLN A 199 -11.03 -13.83 -4.52
C GLN A 199 -11.04 -13.90 -4.58
N TYR A 200 -10.90 -13.13 -5.64
CA TYR A 200 -10.00 -13.51 -6.71
C TYR A 200 -8.55 -13.62 -6.24
N CYS A 201 -8.06 -12.56 -5.59
CA CYS A 201 -6.67 -12.58 -5.14
C CYS A 201 -6.41 -13.74 -4.20
N HIS A 202 -7.25 -13.90 -3.18
CA HIS A 202 -7.06 -15.00 -2.22
C HIS A 202 -7.07 -16.35 -2.93
N SER A 203 -7.94 -16.50 -3.93
CA SER A 203 -8.04 -17.77 -4.68
C SER A 203 -6.73 -18.09 -5.43
N LYS A 204 -5.91 -17.09 -5.71
CA LYS A 204 -4.64 -17.22 -6.40
C LYS A 204 -3.45 -17.22 -5.47
N GLY A 205 -3.70 -17.21 -4.14
CA GLY A 205 -2.62 -17.12 -3.19
C GLY A 205 -1.95 -15.74 -3.10
N ILE A 206 -2.71 -14.72 -3.47
CA ILE A 206 -2.22 -13.33 -3.47
C ILE A 206 -2.92 -12.60 -2.35
N THR A 207 -2.16 -12.03 -1.39
CA THR A 207 -2.74 -11.26 -0.37
C THR A 207 -3.25 -9.92 -0.89
N VAL A 208 -4.05 -9.25 -0.07
CA VAL A 208 -4.51 -7.88 -0.38
C VAL A 208 -4.04 -6.95 0.70
N THR A 209 -3.50 -5.80 0.28
CA THR A 209 -3.17 -4.70 1.18
C THR A 209 -4.13 -3.56 0.89
N ALA A 210 -4.86 -3.13 1.91
CA ALA A 210 -5.83 -2.03 1.83
C ALA A 210 -5.18 -0.67 2.09
N TYR A 211 -5.23 0.17 1.06
CA TYR A 211 -4.77 1.54 1.16
C TYR A 211 -5.97 2.49 1.38
N SER A 212 -5.65 3.70 1.80
CA SER A 212 -6.63 4.69 2.16
C SER A 212 -7.75 4.13 3.02
N PRO A 213 -7.45 3.38 4.10
CA PRO A 213 -8.51 2.71 4.86
C PRO A 213 -9.34 3.69 5.68
N LEU A 214 -8.85 4.92 5.92
CA LEU A 214 -9.61 5.92 6.64
C LEU A 214 -10.27 6.88 5.67
N GLY A 215 -10.25 6.58 4.38
CA GLY A 215 -10.83 7.44 3.41
C GLY A 215 -9.93 8.55 2.94
N SER A 216 -8.64 8.53 3.27
CA SER A 216 -7.68 9.54 2.77
C SER A 216 -8.24 10.98 2.92
N PRO A 217 -8.65 11.39 4.14
CA PRO A 217 -9.22 12.74 4.24
C PRO A 217 -8.29 13.84 3.86
N ASP A 218 -6.99 13.63 3.87
CA ASP A 218 -5.98 14.58 3.50
C ASP A 218 -5.59 14.55 2.03
N ARG A 219 -6.22 13.70 1.22
CA ARG A 219 -5.95 13.76 -0.21
C ARG A 219 -6.22 15.19 -0.70
N PRO A 220 -5.40 15.70 -1.59
CA PRO A 220 -5.59 17.12 -1.91
C PRO A 220 -6.94 17.46 -2.49
N TRP A 221 -7.55 16.54 -3.26
CA TRP A 221 -8.80 16.78 -3.98
C TRP A 221 -10.06 16.47 -3.19
N ALA A 222 -9.97 16.25 -1.90
CA ALA A 222 -11.20 16.01 -1.10
C ALA A 222 -12.12 17.19 -1.17
N LYS A 223 -13.41 16.90 -1.28
CA LYS A 223 -14.47 17.90 -1.32
C LYS A 223 -15.38 17.66 -0.13
N PRO A 224 -15.93 18.74 0.43
CA PRO A 224 -16.64 18.48 1.68
C PRO A 224 -17.86 17.56 1.55
N GLU A 225 -18.49 17.53 0.37
CA GLU A 225 -19.59 16.63 0.13
C GLU A 225 -19.22 15.18 -0.13
N ASP A 226 -17.92 14.91 -0.30
CA ASP A 226 -17.48 13.56 -0.53
C ASP A 226 -17.76 12.68 0.69
N PRO A 227 -17.97 11.36 0.45
CA PRO A 227 -18.11 10.47 1.58
C PRO A 227 -16.94 10.61 2.56
N SER A 228 -17.29 10.46 3.83
N SER A 228 -17.19 10.58 3.86
CA SER A 228 -16.39 10.68 4.98
CA SER A 228 -16.08 10.71 4.86
C SER A 228 -16.47 9.51 5.95
C SER A 228 -16.26 9.68 5.97
N LEU A 229 -15.58 8.55 5.80
CA LEU A 229 -15.62 7.40 6.70
C LEU A 229 -15.43 7.71 8.16
N LEU A 230 -14.51 8.63 8.46
CA LEU A 230 -14.20 8.92 9.84
C LEU A 230 -15.36 9.63 10.52
N GLU A 231 -16.28 10.24 9.76
N GLU A 231 -16.26 10.24 9.72
CA GLU A 231 -17.45 10.90 10.37
CA GLU A 231 -17.44 10.99 10.22
C GLU A 231 -18.76 10.17 10.05
C GLU A 231 -18.72 10.11 10.21
N ASP A 232 -18.66 8.93 9.59
CA ASP A 232 -19.83 8.13 9.36
C ASP A 232 -20.47 7.77 10.66
N PRO A 233 -21.72 8.25 10.88
CA PRO A 233 -22.28 7.98 12.18
C PRO A 233 -22.48 6.52 12.55
N LYS A 234 -22.69 5.62 11.57
CA LYS A 234 -22.87 4.19 11.82
C LYS A 234 -21.51 3.57 12.18
N ILE A 235 -20.43 4.04 11.56
CA ILE A 235 -19.11 3.61 12.00
C ILE A 235 -18.81 4.10 13.41
N LYS A 236 -19.14 5.37 13.70
CA LYS A 236 -18.91 5.95 15.02
C LYS A 236 -19.72 5.25 16.04
N GLU A 237 -20.93 4.79 15.69
CA GLU A 237 -21.79 4.07 16.63
C GLU A 237 -21.17 2.76 17.03
N ILE A 238 -20.61 2.03 16.03
CA ILE A 238 -19.97 0.76 16.32
C ILE A 238 -18.65 1.00 17.16
N ALA A 239 -17.93 2.07 16.86
CA ALA A 239 -16.69 2.43 17.60
C ALA A 239 -17.03 2.78 19.05
N ALA A 240 -18.06 3.61 19.23
CA ALA A 240 -18.48 4.04 20.57
C ALA A 240 -18.82 2.86 21.45
N LYS A 241 -19.51 1.87 20.91
CA LYS A 241 -19.80 0.65 21.62
C LYS A 241 -18.62 -0.02 22.19
N HIS A 242 -17.55 -0.06 21.38
CA HIS A 242 -16.32 -0.74 21.77
C HIS A 242 -15.42 0.13 22.63
N LYS A 243 -15.77 1.40 22.80
CA LYS A 243 -14.92 2.42 23.39
C LYS A 243 -13.62 2.58 22.60
N LYS A 244 -13.80 2.56 21.28
CA LYS A 244 -12.69 2.69 20.34
C LYS A 244 -13.01 3.89 19.48
N THR A 245 -12.05 4.27 18.65
CA THR A 245 -12.29 5.31 17.70
C THR A 245 -12.81 4.77 16.40
N ALA A 246 -13.36 5.65 15.59
CA ALA A 246 -13.75 5.30 14.23
C ALA A 246 -12.55 4.69 13.47
N ALA A 247 -11.41 5.37 13.56
CA ALA A 247 -10.24 4.87 12.87
C ALA A 247 -9.96 3.42 13.24
N GLN A 248 -9.98 3.13 14.53
CA GLN A 248 -9.70 1.77 14.97
C GLN A 248 -10.66 0.75 14.43
N VAL A 249 -11.94 1.11 14.34
CA VAL A 249 -12.86 0.21 13.70
C VAL A 249 -12.58 0.03 12.19
N LEU A 250 -12.24 1.11 11.51
CA LEU A 250 -11.93 1.02 10.09
C LEU A 250 -10.70 0.16 9.78
N ILE A 251 -9.74 0.14 10.73
CA ILE A 251 -8.55 -0.69 10.60
C ILE A 251 -8.91 -2.14 10.93
N ARG A 252 -9.62 -2.34 12.02
CA ARG A 252 -9.99 -3.69 12.43
C ARG A 252 -10.84 -4.40 11.40
N PHE A 253 -11.68 -3.68 10.66
CA PHE A 253 -12.46 -4.27 9.59
C PHE A 253 -11.62 -5.11 8.64
N HIS A 254 -10.47 -4.57 8.21
CA HIS A 254 -9.60 -5.34 7.31
C HIS A 254 -8.96 -6.54 7.96
N ILE A 255 -8.53 -6.37 9.22
CA ILE A 255 -7.90 -7.48 9.94
C ILE A 255 -8.80 -8.67 9.91
N GLN A 256 -10.09 -8.47 10.15
CA GLN A 256 -11.04 -9.57 10.24
C GLN A 256 -11.35 -10.20 8.92
N ARG A 257 -10.94 -9.59 7.81
CA ARG A 257 -11.01 -10.18 6.49
C ARG A 257 -9.69 -10.76 6.02
N ASN A 258 -8.70 -10.80 6.92
CA ASN A 258 -7.34 -11.22 6.63
C ASN A 258 -6.68 -10.38 5.52
N VAL A 259 -7.00 -9.10 5.55
CA VAL A 259 -6.47 -8.10 4.63
C VAL A 259 -5.54 -7.18 5.39
N ILE A 260 -4.32 -7.02 4.86
CA ILE A 260 -3.32 -6.14 5.40
C ILE A 260 -3.80 -4.69 5.24
N VAL A 261 -3.42 -3.80 6.17
CA VAL A 261 -3.94 -2.43 6.13
C VAL A 261 -2.90 -1.45 6.60
N ILE A 262 -2.82 -0.31 5.91
CA ILE A 262 -1.71 0.62 6.05
C ILE A 262 -2.17 2.07 6.32
N PRO A 263 -2.83 2.34 7.47
CA PRO A 263 -3.23 3.70 7.76
C PRO A 263 -2.03 4.65 7.86
N LYS A 264 -2.18 5.87 7.36
CA LYS A 264 -1.16 6.89 7.47
C LYS A 264 -1.49 7.86 8.57
N SER A 265 -0.46 8.24 9.35
CA SER A 265 -0.53 9.40 10.21
C SER A 265 0.87 9.92 10.44
N VAL A 266 0.95 11.24 10.66
CA VAL A 266 2.13 11.86 11.27
C VAL A 266 1.92 12.40 12.67
N THR A 267 0.77 12.11 13.23
CA THR A 267 0.41 12.63 14.58
C THR A 267 0.75 11.51 15.56
N PRO A 268 1.70 11.73 16.51
CA PRO A 268 2.07 10.65 17.38
C PRO A 268 0.94 9.90 18.05
N ALA A 269 -0.04 10.60 18.62
CA ALA A 269 -1.07 9.91 19.35
C ALA A 269 -1.92 9.03 18.43
N ARG A 270 -2.10 9.47 17.19
CA ARG A 270 -2.90 8.69 16.23
C ARG A 270 -2.11 7.47 15.74
N ILE A 271 -0.80 7.62 15.50
CA ILE A 271 0.05 6.49 15.15
C ILE A 271 -0.10 5.41 16.18
N VAL A 272 -0.01 5.80 17.45
CA VAL A 272 -0.10 4.83 18.52
C VAL A 272 -1.53 4.22 18.52
N GLU A 273 -2.56 5.02 18.43
CA GLU A 273 -3.95 4.51 18.47
C GLU A 273 -4.21 3.50 17.35
N ASN A 274 -3.64 3.77 16.17
CA ASN A 274 -4.01 3.02 15.00
C ASN A 274 -3.49 1.57 15.02
N ILE A 275 -2.55 1.23 15.90
CA ILE A 275 -2.07 -0.14 16.02
C ILE A 275 -2.69 -0.84 17.26
N GLN A 276 -3.47 -0.07 18.04
N GLN A 276 -3.46 -0.16 18.07
CA GLN A 276 -4.25 -0.60 19.25
CA GLN A 276 -4.01 -0.87 19.24
C GLN A 276 -5.52 -1.28 18.74
C GLN A 276 -5.38 -1.36 18.86
N VAL A 277 -5.35 -2.32 17.95
CA VAL A 277 -6.50 -2.93 17.25
C VAL A 277 -6.54 -4.43 17.37
N PHE A 278 -5.80 -4.96 18.36
CA PHE A 278 -5.71 -6.40 18.53
C PHE A 278 -6.31 -6.89 19.86
N ASP A 279 -7.06 -6.01 20.53
CA ASP A 279 -7.68 -6.36 21.80
C ASP A 279 -9.19 -6.14 21.84
N PHE A 280 -9.77 -6.06 20.65
CA PHE A 280 -11.21 -6.06 20.51
C PHE A 280 -11.53 -6.76 19.21
N LYS A 281 -12.81 -7.11 19.03
CA LYS A 281 -13.25 -7.81 17.84
C LYS A 281 -14.62 -7.23 17.49
N LEU A 282 -14.85 -7.00 16.20
CA LEU A 282 -16.15 -6.68 15.68
C LEU A 282 -16.93 -7.99 15.58
N SER A 283 -18.21 -7.95 15.95
CA SER A 283 -19.03 -9.13 15.86
C SER A 283 -19.34 -9.48 14.42
N ASP A 284 -19.85 -10.68 14.17
CA ASP A 284 -20.32 -11.06 12.86
C ASP A 284 -21.33 -10.04 12.38
N GLU A 285 -22.27 -9.64 13.23
CA GLU A 285 -23.29 -8.68 12.77
C GLU A 285 -22.66 -7.35 12.38
N GLU A 286 -21.70 -6.92 13.19
CA GLU A 286 -21.03 -5.65 12.90
C GLU A 286 -20.25 -5.70 11.58
N MET A 287 -19.59 -6.82 11.32
CA MET A 287 -18.89 -7.00 10.04
C MET A 287 -19.88 -6.98 8.85
N ALA A 288 -21.03 -7.64 9.01
CA ALA A 288 -22.00 -7.68 7.95
C ALA A 288 -22.56 -6.28 7.74
N THR A 289 -22.78 -5.54 8.82
CA THR A 289 -23.26 -4.19 8.70
C THR A 289 -22.25 -3.32 7.93
N ILE A 290 -21.00 -3.39 8.36
CA ILE A 290 -19.97 -2.55 7.71
C ILE A 290 -19.78 -2.97 6.25
N LEU A 291 -19.80 -4.25 5.97
CA LEU A 291 -19.74 -4.69 4.58
C LEU A 291 -20.83 -4.10 3.71
N SER A 292 -22.00 -3.97 4.31
CA SER A 292 -23.16 -3.46 3.58
C SER A 292 -23.05 -2.01 3.22
N PHE A 293 -22.00 -1.31 3.70
CA PHE A 293 -21.81 0.09 3.39
C PHE A 293 -21.19 0.35 2.02
N ASN A 294 -20.84 -0.69 1.30
CA ASN A 294 -20.17 -0.49 0.01
C ASN A 294 -20.93 0.51 -0.86
N ARG A 295 -20.19 1.47 -1.41
CA ARG A 295 -20.72 2.49 -2.36
C ARG A 295 -20.03 2.45 -3.68
N ASN A 296 -19.02 1.56 -3.88
CA ASN A 296 -18.19 1.63 -5.06
C ASN A 296 -17.54 2.99 -5.20
N TRP A 297 -17.13 3.60 -4.08
CA TRP A 297 -16.55 4.89 -4.07
C TRP A 297 -15.06 4.86 -3.90
N ARG A 298 -14.32 5.52 -4.81
CA ARG A 298 -12.85 5.60 -4.79
C ARG A 298 -12.42 7.02 -4.44
N ALA A 299 -11.59 7.11 -3.40
CA ALA A 299 -10.82 8.28 -3.13
C ALA A 299 -9.76 8.50 -4.19
N CYS A 300 -9.20 7.41 -4.75
CA CYS A 300 -8.14 7.47 -5.73
C CYS A 300 -8.56 6.82 -7.04
N ASN A 301 -9.35 7.56 -7.84
CA ASN A 301 -9.76 7.07 -9.15
C ASN A 301 -8.88 7.45 -10.30
N VAL A 302 -7.98 8.41 -10.05
CA VAL A 302 -6.99 8.86 -10.98
C VAL A 302 -7.48 8.93 -12.46
N LEU A 303 -8.60 9.63 -12.62
CA LEU A 303 -9.26 9.71 -13.93
C LEU A 303 -8.40 10.38 -15.00
N GLN A 304 -7.46 11.23 -14.61
CA GLN A 304 -6.52 11.76 -15.64
C GLN A 304 -5.70 10.78 -16.39
N SER A 305 -5.67 9.53 -15.87
CA SER A 305 -4.99 8.44 -16.54
C SER A 305 -5.94 7.44 -17.17
N SER A 306 -7.23 7.80 -17.21
CA SER A 306 -8.25 6.84 -17.62
C SER A 306 -8.24 6.47 -19.10
N HIS A 307 -7.53 7.29 -19.90
CA HIS A 307 -7.39 7.01 -21.33
C HIS A 307 -6.22 6.08 -21.63
N LEU A 308 -5.41 5.77 -20.61
CA LEU A 308 -4.24 4.93 -20.88
C LEU A 308 -4.64 3.50 -20.98
N GLU A 309 -3.90 2.72 -21.76
CA GLU A 309 -4.24 1.36 -22.01
C GLU A 309 -4.53 0.37 -20.82
N ASP A 310 -3.65 0.43 -19.88
CA ASP A 310 -3.76 -0.34 -18.62
C ASP A 310 -4.40 0.46 -17.46
N TYR A 311 -5.22 1.45 -17.74
CA TYR A 311 -6.03 2.05 -16.68
C TYR A 311 -6.84 0.90 -16.00
N PRO A 312 -6.78 0.74 -14.67
CA PRO A 312 -7.32 -0.46 -14.03
C PRO A 312 -8.77 -0.48 -13.68
N PHE A 313 -9.42 0.67 -13.67
CA PHE A 313 -10.71 0.77 -12.98
C PHE A 313 -11.91 0.79 -13.96
N ASN A 314 -11.71 0.43 -15.23
CA ASN A 314 -12.84 0.16 -16.13
C ASN A 314 -13.39 -1.23 -16.01
N ALA A 315 -12.61 -2.17 -15.54
CA ALA A 315 -13.05 -3.51 -15.28
C ALA A 315 -13.97 -3.55 -14.08
N GLU A 316 -14.87 -4.52 -14.07
CA GLU A 316 -15.72 -4.77 -12.92
C GLU A 316 -14.91 -4.97 -11.61
N TYR A 317 -13.87 -5.75 -11.70
CA TYR A 317 -12.93 -5.98 -10.60
C TYR A 317 -11.68 -6.54 -11.25
#